data_9QNG
#
_entry.id   9QNG
#
_cell.length_a   82.147
_cell.length_b   112.039
_cell.length_c   63.069
_cell.angle_alpha   90.00
_cell.angle_beta   90.00
_cell.angle_gamma   90.00
#
_symmetry.space_group_name_H-M   'C 2 2 21'
#
loop_
_entity.id
_entity.type
_entity.pdbx_description
1 polymer '14-3-3 protein sigma'
2 polymer 'Forkhead box protein O3'
3 non-polymer 'CHLORIDE ION'
4 non-polymer 'CALCIUM ION'
5 water water
#
loop_
_entity_poly.entity_id
_entity_poly.type
_entity_poly.pdbx_seq_one_letter_code
_entity_poly.pdbx_strand_id
1 'polypeptide(L)'
;GAMGSMERASLIQKAKLAEQAERYEDMAAFMKGAVEKGEELSCEERNLLSVAYKNVVGGQRAAWRVLSSIEQKSNEEGSE
EKGPEVREYREKVETELQGVCDTVLGLLDSHLIKEAGDAESRVFYLKMKGDYYRYLAEVATGDDKKRIIDSARSAYQEAM
DISKKEMPPTNPIRLGLALNFSVFHYEIANSPEEAISLAKTTFDEAMADLHTLSEDSYKDSTLIMQLLRDNLTLWT
;
A
2 'polypeptide(L)' RSS(SEP)FPYTT B
#
# COMPACT_ATOMS: atom_id res chain seq x y z
N GLY A 1 20.47 -3.32 -12.32
CA GLY A 1 20.89 -2.01 -12.78
C GLY A 1 22.11 -1.50 -12.02
N ALA A 2 21.98 -0.31 -11.42
CA ALA A 2 23.09 0.35 -10.75
C ALA A 2 23.54 -0.41 -9.50
N MET A 3 22.68 -1.27 -8.94
CA MET A 3 23.05 -2.05 -7.77
C MET A 3 23.58 -3.44 -8.09
N GLY A 4 23.76 -3.73 -9.38
CA GLY A 4 24.16 -5.05 -9.82
C GLY A 4 25.53 -5.52 -9.30
N SER A 5 26.42 -4.56 -8.99
CA SER A 5 27.74 -4.92 -8.50
C SER A 5 27.85 -5.02 -6.98
N MET A 6 26.76 -4.72 -6.26
CA MET A 6 26.82 -4.73 -4.81
C MET A 6 26.26 -6.05 -4.27
N GLU A 7 26.96 -6.63 -3.28
CA GLU A 7 26.48 -7.82 -2.60
C GLU A 7 25.06 -7.66 -2.06
N ARG A 8 24.28 -8.75 -2.14
CA ARG A 8 22.95 -8.77 -1.55
C ARG A 8 22.96 -8.31 -0.09
N ALA A 9 23.87 -8.88 0.72
CA ALA A 9 23.88 -8.55 2.14
C ALA A 9 24.21 -7.09 2.38
N SER A 10 25.08 -6.52 1.53
CA SER A 10 25.46 -5.12 1.62
C SER A 10 24.30 -4.19 1.27
N LEU A 11 23.49 -4.58 0.29
CA LEU A 11 22.28 -3.85 -0.06
C LEU A 11 21.29 -3.83 1.11
N ILE A 12 21.10 -4.98 1.75
CA ILE A 12 20.21 -5.05 2.91
C ILE A 12 20.76 -4.20 4.06
N GLN A 13 22.07 -4.28 4.31
CA GLN A 13 22.69 -3.49 5.37
C GLN A 13 22.48 -1.98 5.11
N LYS A 14 22.68 -1.56 3.86
CA LYS A 14 22.55 -0.16 3.50
C LYS A 14 21.08 0.29 3.50
N ALA A 15 20.14 -0.61 3.15
CA ALA A 15 18.73 -0.27 3.31
C ALA A 15 18.38 0.09 4.75
N LYS A 16 18.93 -0.66 5.71
CA LYS A 16 18.68 -0.38 7.12
C LYS A 16 19.31 0.95 7.55
N LEU A 17 20.51 1.25 7.05
CA LEU A 17 21.14 2.54 7.29
C LEU A 17 20.34 3.70 6.70
N ALA A 18 19.86 3.52 5.47
CA ALA A 18 19.04 4.53 4.79
C ALA A 18 17.76 4.80 5.58
N GLU A 19 17.13 3.75 6.11
CA GLU A 19 15.97 3.94 6.96
C GLU A 19 16.27 4.81 8.19
N GLN A 20 17.41 4.54 8.84
CA GLN A 20 17.80 5.30 10.04
C GLN A 20 18.06 6.77 9.72
N ALA A 21 18.57 7.01 8.50
CA ALA A 21 18.87 8.34 8.02
C ALA A 21 17.67 9.03 7.37
N GLU A 22 16.53 8.33 7.30
CA GLU A 22 15.32 8.82 6.65
C GLU A 22 15.55 9.16 5.17
N ARG A 23 16.38 8.33 4.53
CA ARG A 23 16.69 8.44 3.10
C ARG A 23 15.93 7.37 2.35
N TYR A 24 14.62 7.58 2.17
CA TYR A 24 13.75 6.52 1.70
C TYR A 24 13.89 6.21 0.21
N GLU A 25 14.28 7.21 -0.60
CA GLU A 25 14.56 6.95 -2.00
C GLU A 25 15.76 6.01 -2.11
N ASP A 26 16.81 6.28 -1.35
CA ASP A 26 17.95 5.37 -1.29
C ASP A 26 17.55 3.98 -0.79
N MET A 27 16.74 3.94 0.27
CA MET A 27 16.31 2.68 0.84
C MET A 27 15.60 1.83 -0.22
N ALA A 28 14.69 2.46 -0.98
CA ALA A 28 13.95 1.77 -2.02
C ALA A 28 14.88 1.26 -3.14
N ALA A 29 15.86 2.07 -3.52
CA ALA A 29 16.81 1.65 -4.55
C ALA A 29 17.65 0.46 -4.08
N PHE A 30 18.07 0.47 -2.82
CA PHE A 30 18.81 -0.66 -2.28
C PHE A 30 17.94 -1.93 -2.26
N MET A 31 16.67 -1.80 -1.84
CA MET A 31 15.82 -2.96 -1.77
C MET A 31 15.46 -3.51 -3.15
N LYS A 32 15.29 -2.61 -4.13
CA LYS A 32 15.07 -3.04 -5.51
C LYS A 32 16.27 -3.87 -5.99
N GLY A 33 17.47 -3.36 -5.70
CA GLY A 33 18.68 -4.12 -6.01
C GLY A 33 18.71 -5.50 -5.36
N ALA A 34 18.31 -5.57 -4.09
CA ALA A 34 18.27 -6.85 -3.40
C ALA A 34 17.26 -7.80 -4.05
N VAL A 35 16.08 -7.30 -4.40
CA VAL A 35 15.07 -8.12 -5.04
C VAL A 35 15.63 -8.69 -6.36
N GLU A 36 16.32 -7.82 -7.10
CA GLU A 36 16.82 -8.23 -8.42
C GLU A 36 17.96 -9.24 -8.35
N LYS A 37 18.49 -9.55 -7.16
CA LYS A 37 19.40 -10.67 -7.04
C LYS A 37 18.74 -12.02 -7.32
N GLY A 38 17.41 -12.08 -7.23
CA GLY A 38 16.65 -13.24 -7.64
C GLY A 38 16.31 -14.24 -6.52
N GLU A 39 16.83 -14.02 -5.31
CA GLU A 39 16.49 -14.87 -4.19
C GLU A 39 15.20 -14.38 -3.53
N GLU A 40 14.47 -15.29 -2.89
CA GLU A 40 13.32 -14.90 -2.13
C GLU A 40 13.72 -14.00 -0.96
N LEU A 41 12.74 -13.21 -0.47
CA LEU A 41 12.97 -12.31 0.65
C LEU A 41 12.47 -12.92 1.95
N SER A 42 13.26 -12.69 3.01
CA SER A 42 12.86 -13.04 4.35
C SER A 42 11.75 -12.10 4.84
N CYS A 43 11.14 -12.42 5.98
CA CYS A 43 10.11 -11.57 6.53
C CYS A 43 10.63 -10.15 6.78
N GLU A 44 11.81 -10.04 7.40
CA GLU A 44 12.40 -8.74 7.67
C GLU A 44 12.66 -7.96 6.37
N GLU A 45 13.15 -8.66 5.34
CA GLU A 45 13.46 -8.04 4.07
C GLU A 45 12.19 -7.55 3.35
N ARG A 46 11.11 -8.33 3.44
CA ARG A 46 9.83 -7.91 2.87
C ARG A 46 9.36 -6.62 3.54
N ASN A 47 9.53 -6.53 4.86
CA ASN A 47 9.14 -5.31 5.56
C ASN A 47 9.99 -4.11 5.13
N LEU A 48 11.30 -4.32 4.90
CA LEU A 48 12.15 -3.24 4.42
C LEU A 48 11.67 -2.73 3.06
N LEU A 49 11.32 -3.66 2.17
CA LEU A 49 10.80 -3.30 0.86
C LEU A 49 9.54 -2.44 0.96
N SER A 50 8.59 -2.92 1.78
CA SER A 50 7.33 -2.23 1.99
C SER A 50 7.51 -0.84 2.58
N VAL A 51 8.31 -0.73 3.64
CA VAL A 51 8.55 0.57 4.26
C VAL A 51 9.17 1.56 3.28
N ALA A 52 10.16 1.09 2.50
CA ALA A 52 10.88 1.98 1.60
C ALA A 52 9.93 2.62 0.59
N TYR A 53 9.18 1.77 -0.11
CA TYR A 53 8.31 2.26 -1.17
C TYR A 53 7.09 2.99 -0.63
N LYS A 54 6.62 2.61 0.57
CA LYS A 54 5.49 3.30 1.16
C LYS A 54 5.84 4.76 1.45
N ASN A 55 7.06 4.99 1.95
CA ASN A 55 7.53 6.32 2.22
C ASN A 55 7.75 7.14 0.94
N VAL A 56 8.32 6.51 -0.10
CA VAL A 56 8.50 7.20 -1.37
C VAL A 56 7.16 7.60 -1.96
N VAL A 57 6.25 6.63 -2.12
CA VAL A 57 4.97 6.92 -2.75
C VAL A 57 4.16 7.85 -1.87
N GLY A 58 4.36 7.77 -0.55
CA GLY A 58 3.62 8.64 0.36
C GLY A 58 3.89 10.11 0.12
N GLY A 59 5.16 10.45 -0.13
CA GLY A 59 5.54 11.81 -0.46
C GLY A 59 4.91 12.28 -1.77
N GLN A 60 4.87 11.38 -2.75
CA GLN A 60 4.29 11.70 -4.05
C GLN A 60 2.78 11.88 -3.97
N ARG A 61 2.11 11.00 -3.21
CA ARG A 61 0.67 11.08 -3.06
C ARG A 61 0.27 12.39 -2.37
N ALA A 62 1.01 12.74 -1.31
CA ALA A 62 0.70 13.96 -0.58
C ALA A 62 0.89 15.18 -1.49
N ALA A 63 1.96 15.17 -2.29
CA ALA A 63 2.22 16.27 -3.21
C ALA A 63 1.14 16.35 -4.28
N TRP A 64 0.77 15.19 -4.83
CA TRP A 64 -0.25 15.14 -5.85
C TRP A 64 -1.58 15.71 -5.35
N ARG A 65 -1.95 15.38 -4.11
CA ARG A 65 -3.21 15.86 -3.56
CA ARG A 65 -3.21 15.86 -3.55
C ARG A 65 -3.20 17.38 -3.39
N VAL A 66 -2.06 17.94 -2.97
CA VAL A 66 -1.92 19.39 -2.86
C VAL A 66 -2.15 20.06 -4.22
N LEU A 67 -1.46 19.56 -5.24
CA LEU A 67 -1.50 20.14 -6.57
C LEU A 67 -2.86 19.94 -7.24
N SER A 68 -3.47 18.78 -7.03
CA SER A 68 -4.80 18.50 -7.58
CA SER A 68 -4.79 18.51 -7.58
C SER A 68 -5.84 19.47 -7.00
N SER A 69 -5.72 19.76 -5.70
CA SER A 69 -6.62 20.70 -5.05
C SER A 69 -6.49 22.10 -5.63
N ILE A 70 -5.25 22.54 -5.85
CA ILE A 70 -5.00 23.85 -6.45
C ILE A 70 -5.58 23.90 -7.86
N GLU A 71 -5.36 22.83 -8.61
CA GLU A 71 -5.87 22.72 -9.97
C GLU A 71 -7.40 22.80 -10.01
N GLN A 72 -8.05 22.03 -9.12
CA GLN A 72 -9.50 22.00 -9.09
C GLN A 72 -10.07 23.37 -8.75
N LYS A 73 -9.44 24.08 -7.81
CA LYS A 73 -9.86 25.44 -7.46
C LYS A 73 -9.71 26.40 -8.64
N SER A 74 -8.66 26.20 -9.44
CA SER A 74 -8.42 27.03 -10.62
C SER A 74 -9.50 26.89 -11.68
N ASN A 75 -10.20 25.75 -11.70
CA ASN A 75 -11.26 25.51 -12.66
C ASN A 75 -12.65 25.85 -12.14
N GLU A 76 -12.72 26.61 -11.03
CA GLU A 76 -13.97 27.12 -10.52
C GLU A 76 -14.39 28.39 -11.26
N GLU A 77 -15.63 28.81 -11.03
CA GLU A 77 -16.17 30.05 -11.56
C GLU A 77 -15.54 31.23 -10.82
N GLY A 78 -15.13 32.25 -11.59
CA GLY A 78 -14.53 33.44 -11.04
C GLY A 78 -13.04 33.31 -10.74
N SER A 79 -12.49 32.11 -10.95
CA SER A 79 -11.06 31.87 -10.79
C SER A 79 -10.30 32.42 -11.99
N GLU A 80 -9.23 33.18 -11.71
CA GLU A 80 -8.45 33.85 -12.74
C GLU A 80 -7.59 32.82 -13.47
N GLU A 81 -7.52 32.96 -14.80
CA GLU A 81 -6.73 32.06 -15.62
C GLU A 81 -5.24 32.34 -15.40
N LYS A 82 -4.48 31.30 -15.03
CA LYS A 82 -3.08 31.49 -14.70
C LYS A 82 -2.16 30.59 -15.53
N GLY A 83 -2.71 30.09 -16.64
CA GLY A 83 -1.91 29.33 -17.59
C GLY A 83 -1.80 27.84 -17.28
N PRO A 84 -0.91 27.13 -18.02
CA PRO A 84 -0.83 25.68 -17.95
C PRO A 84 0.02 25.12 -16.81
N GLU A 85 0.64 26.01 -16.01
CA GLU A 85 1.67 25.57 -15.08
C GLU A 85 1.20 24.61 -13.99
N VAL A 86 0.01 24.83 -13.42
CA VAL A 86 -0.49 23.97 -12.36
C VAL A 86 -0.74 22.56 -12.91
N ARG A 87 -1.44 22.49 -14.05
CA ARG A 87 -1.66 21.21 -14.71
C ARG A 87 -0.35 20.51 -15.05
N GLU A 88 0.59 21.25 -15.65
CA GLU A 88 1.87 20.67 -16.03
C GLU A 88 2.59 20.06 -14.82
N TYR A 89 2.63 20.79 -13.71
CA TYR A 89 3.38 20.32 -12.55
C TYR A 89 2.66 19.17 -11.86
N ARG A 90 1.32 19.22 -11.79
CA ARG A 90 0.56 18.09 -11.31
C ARG A 90 0.83 16.84 -12.16
N GLU A 91 0.87 17.03 -13.49
CA GLU A 91 1.17 15.92 -14.39
C GLU A 91 2.57 15.36 -14.16
N LYS A 92 3.54 16.23 -13.86
CA LYS A 92 4.90 15.81 -13.61
C LYS A 92 4.96 14.89 -12.38
N VAL A 93 4.34 15.35 -11.28
CA VAL A 93 4.31 14.56 -10.07
C VAL A 93 3.55 13.25 -10.30
N GLU A 94 2.42 13.33 -11.01
CA GLU A 94 1.63 12.15 -11.33
C GLU A 94 2.43 11.11 -12.10
N THR A 95 3.21 11.55 -13.09
CA THR A 95 4.00 10.62 -13.90
C THR A 95 5.06 9.94 -13.04
N GLU A 96 5.70 10.70 -12.14
CA GLU A 96 6.68 10.15 -11.24
CA GLU A 96 6.68 10.13 -11.25
C GLU A 96 6.07 9.11 -10.30
N LEU A 97 4.88 9.43 -9.76
CA LEU A 97 4.15 8.50 -8.92
C LEU A 97 3.81 7.21 -9.66
N GLN A 98 3.29 7.35 -10.88
CA GLN A 98 2.96 6.19 -11.70
C GLN A 98 4.20 5.35 -11.97
N GLY A 99 5.35 6.00 -12.15
CA GLY A 99 6.61 5.30 -12.35
C GLY A 99 7.02 4.43 -11.15
N VAL A 100 6.83 4.97 -9.94
CA VAL A 100 7.13 4.22 -8.73
C VAL A 100 6.20 3.02 -8.60
N CYS A 101 4.89 3.23 -8.82
CA CYS A 101 3.93 2.14 -8.75
C CYS A 101 4.28 1.05 -9.76
N ASP A 102 4.62 1.45 -10.99
CA ASP A 102 4.99 0.50 -12.02
C ASP A 102 6.24 -0.28 -11.64
N THR A 103 7.20 0.38 -10.99
CA THR A 103 8.40 -0.28 -10.53
C THR A 103 8.05 -1.38 -9.52
N VAL A 104 7.23 -1.03 -8.52
CA VAL A 104 6.85 -2.01 -7.51
C VAL A 104 6.10 -3.18 -8.13
N LEU A 105 5.12 -2.86 -8.98
CA LEU A 105 4.33 -3.91 -9.61
C LEU A 105 5.21 -4.80 -10.49
N GLY A 106 6.23 -4.20 -11.13
CA GLY A 106 7.20 -4.96 -11.89
C GLY A 106 8.01 -5.95 -11.05
N LEU A 107 8.42 -5.53 -9.85
CA LEU A 107 9.15 -6.41 -8.96
C LEU A 107 8.27 -7.58 -8.55
N LEU A 108 7.01 -7.28 -8.22
CA LEU A 108 6.06 -8.31 -7.83
C LEU A 108 5.82 -9.33 -8.95
N ASP A 109 5.73 -8.83 -10.19
CA ASP A 109 5.51 -9.72 -11.32
C ASP A 109 6.76 -10.45 -11.82
N SER A 110 7.94 -9.94 -11.44
CA SER A 110 9.21 -10.47 -11.92
C SER A 110 10.23 -10.52 -10.78
N HIS A 111 10.15 -11.50 -9.85
CA HIS A 111 9.27 -12.66 -9.89
C HIS A 111 8.80 -13.00 -8.46
N LEU A 112 8.56 -11.97 -7.65
CA LEU A 112 8.29 -12.20 -6.25
C LEU A 112 7.05 -13.06 -6.01
N ILE A 113 5.94 -12.73 -6.68
CA ILE A 113 4.70 -13.45 -6.42
C ILE A 113 4.80 -14.92 -6.83
N LYS A 114 5.31 -15.19 -8.03
CA LYS A 114 5.29 -16.56 -8.52
C LYS A 114 6.18 -17.49 -7.70
N GLU A 115 7.21 -16.95 -7.02
CA GLU A 115 8.08 -17.75 -6.18
C GLU A 115 7.59 -17.89 -4.74
N ALA A 116 6.57 -17.11 -4.35
CA ALA A 116 6.08 -17.09 -2.97
C ALA A 116 5.06 -18.20 -2.73
N GLY A 117 5.47 -19.23 -1.98
CA GLY A 117 4.60 -20.37 -1.70
C GLY A 117 3.97 -20.40 -0.31
N ASP A 118 4.64 -19.78 0.67
CA ASP A 118 4.13 -19.74 2.02
C ASP A 118 3.06 -18.65 2.08
N ALA A 119 2.00 -18.90 2.87
CA ALA A 119 0.89 -17.97 2.97
C ALA A 119 1.35 -16.56 3.33
N GLU A 120 2.27 -16.45 4.29
CA GLU A 120 2.70 -15.15 4.78
C GLU A 120 3.34 -14.31 3.68
N SER A 121 4.18 -14.94 2.87
CA SER A 121 4.83 -14.22 1.78
C SER A 121 3.83 -13.93 0.66
N ARG A 122 3.02 -14.91 0.26
CA ARG A 122 2.10 -14.73 -0.84
CA ARG A 122 2.10 -14.72 -0.84
C ARG A 122 1.06 -13.64 -0.54
N VAL A 123 0.49 -13.67 0.67
CA VAL A 123 -0.49 -12.67 1.05
C VAL A 123 0.15 -11.28 1.10
N PHE A 124 1.36 -11.20 1.66
CA PHE A 124 2.09 -9.94 1.71
C PHE A 124 2.25 -9.33 0.32
N TYR A 125 2.68 -10.14 -0.66
CA TYR A 125 2.92 -9.61 -1.99
C TYR A 125 1.64 -9.26 -2.73
N LEU A 126 0.57 -10.05 -2.53
CA LEU A 126 -0.70 -9.75 -3.16
C LEU A 126 -1.33 -8.50 -2.55
N LYS A 127 -1.19 -8.30 -1.23
CA LYS A 127 -1.56 -7.04 -0.62
C LYS A 127 -0.83 -5.85 -1.24
N MET A 128 0.48 -6.01 -1.46
CA MET A 128 1.26 -4.95 -2.06
C MET A 128 0.76 -4.66 -3.48
N LYS A 129 0.44 -5.70 -4.25
CA LYS A 129 -0.08 -5.52 -5.59
C LYS A 129 -1.38 -4.71 -5.55
N GLY A 130 -2.28 -5.07 -4.62
CA GLY A 130 -3.52 -4.31 -4.45
C GLY A 130 -3.26 -2.85 -4.11
N ASP A 131 -2.32 -2.62 -3.18
CA ASP A 131 -2.02 -1.27 -2.72
C ASP A 131 -1.51 -0.39 -3.87
N TYR A 132 -0.55 -0.92 -4.66
CA TYR A 132 0.05 -0.08 -5.68
C TYR A 132 -0.89 0.12 -6.88
N TYR A 133 -1.76 -0.85 -7.18
CA TYR A 133 -2.84 -0.58 -8.12
C TYR A 133 -3.82 0.46 -7.56
N ARG A 134 -4.07 0.40 -6.24
CA ARG A 134 -4.93 1.40 -5.62
C ARG A 134 -4.35 2.81 -5.77
N TYR A 135 -3.02 2.96 -5.61
CA TYR A 135 -2.42 4.28 -5.75
C TYR A 135 -2.50 4.74 -7.21
N LEU A 136 -2.37 3.82 -8.17
CA LEU A 136 -2.60 4.17 -9.56
C LEU A 136 -4.06 4.60 -9.78
N ALA A 137 -5.00 3.92 -9.13
CA ALA A 137 -6.41 4.25 -9.28
C ALA A 137 -6.76 5.64 -8.74
N GLU A 138 -6.04 6.08 -7.69
CA GLU A 138 -6.27 7.39 -7.10
C GLU A 138 -6.07 8.53 -8.10
N VAL A 139 -5.17 8.35 -9.07
CA VAL A 139 -4.87 9.38 -10.05
C VAL A 139 -5.39 9.08 -11.46
N ALA A 140 -6.04 7.94 -11.64
CA ALA A 140 -6.53 7.53 -12.95
C ALA A 140 -7.82 8.25 -13.32
N THR A 141 -7.89 8.68 -14.59
CA THR A 141 -9.05 9.37 -15.13
C THR A 141 -9.51 8.88 -16.51
N GLY A 142 -8.67 8.10 -17.20
CA GLY A 142 -8.90 7.75 -18.59
C GLY A 142 -9.68 6.45 -18.78
N ASP A 143 -9.57 5.89 -19.99
CA ASP A 143 -10.21 4.63 -20.35
C ASP A 143 -9.88 3.48 -19.39
N ASP A 144 -8.63 3.45 -18.94
CA ASP A 144 -8.11 2.33 -18.15
C ASP A 144 -8.43 2.37 -16.66
N LYS A 145 -9.18 3.39 -16.21
CA LYS A 145 -9.51 3.52 -14.80
C LYS A 145 -10.25 2.30 -14.25
N LYS A 146 -11.23 1.80 -15.01
CA LYS A 146 -12.00 0.66 -14.56
C LYS A 146 -11.11 -0.59 -14.46
N ARG A 147 -10.21 -0.77 -15.42
CA ARG A 147 -9.31 -1.92 -15.41
C ARG A 147 -8.31 -1.84 -14.24
N ILE A 148 -7.83 -0.62 -13.93
CA ILE A 148 -6.92 -0.45 -12.81
C ILE A 148 -7.61 -0.80 -11.49
N ILE A 149 -8.83 -0.29 -11.33
CA ILE A 149 -9.63 -0.61 -10.16
C ILE A 149 -9.83 -2.12 -10.04
N ASP A 150 -10.14 -2.78 -11.16
CA ASP A 150 -10.38 -4.20 -11.10
C ASP A 150 -9.11 -4.98 -10.77
N SER A 151 -7.96 -4.49 -11.25
CA SER A 151 -6.68 -5.10 -10.89
C SER A 151 -6.40 -5.04 -9.40
N ALA A 152 -6.67 -3.89 -8.78
CA ALA A 152 -6.53 -3.76 -7.33
C ALA A 152 -7.47 -4.74 -6.61
N ARG A 153 -8.75 -4.72 -7.01
CA ARG A 153 -9.76 -5.58 -6.41
CA ARG A 153 -9.75 -5.57 -6.40
C ARG A 153 -9.34 -7.04 -6.48
N SER A 154 -8.91 -7.48 -7.66
CA SER A 154 -8.54 -8.87 -7.89
C SER A 154 -7.39 -9.33 -7.01
N ALA A 155 -6.36 -8.48 -6.87
CA ALA A 155 -5.21 -8.78 -6.04
C ALA A 155 -5.61 -8.89 -4.57
N TYR A 156 -6.34 -7.87 -4.09
CA TYR A 156 -6.85 -7.90 -2.72
C TYR A 156 -7.70 -9.13 -2.44
N GLN A 157 -8.56 -9.52 -3.39
CA GLN A 157 -9.47 -10.64 -3.19
C GLN A 157 -8.71 -11.96 -3.12
N GLU A 158 -7.72 -12.16 -3.99
CA GLU A 158 -6.89 -13.35 -3.91
C GLU A 158 -6.16 -13.42 -2.56
N ALA A 159 -5.65 -12.27 -2.09
CA ALA A 159 -4.96 -12.22 -0.82
C ALA A 159 -5.91 -12.54 0.34
N MET A 160 -7.13 -12.01 0.26
CA MET A 160 -8.14 -12.25 1.29
C MET A 160 -8.46 -13.74 1.35
N ASP A 161 -8.64 -14.37 0.18
CA ASP A 161 -9.02 -15.77 0.14
C ASP A 161 -7.96 -16.67 0.79
N ILE A 162 -6.67 -16.41 0.49
CA ILE A 162 -5.58 -17.17 1.08
C ILE A 162 -5.50 -16.92 2.59
N SER A 163 -5.59 -15.63 2.97
CA SER A 163 -5.43 -15.25 4.37
C SER A 163 -6.50 -15.88 5.27
N LYS A 164 -7.74 -15.95 4.78
CA LYS A 164 -8.82 -16.56 5.53
C LYS A 164 -8.62 -18.07 5.72
N LYS A 165 -8.03 -18.73 4.71
CA LYS A 165 -7.76 -20.16 4.77
C LYS A 165 -6.56 -20.51 5.64
N GLU A 166 -5.53 -19.68 5.60
CA GLU A 166 -4.20 -20.07 6.08
C GLU A 166 -3.64 -19.33 7.29
N MET A 167 -4.30 -18.24 7.71
CA MET A 167 -3.79 -17.38 8.76
CA MET A 167 -3.77 -17.41 8.77
C MET A 167 -4.84 -17.15 9.83
N PRO A 168 -4.44 -16.98 11.12
CA PRO A 168 -5.40 -16.62 12.16
C PRO A 168 -5.93 -15.20 11.98
N PRO A 169 -7.14 -14.90 12.50
CA PRO A 169 -7.74 -13.58 12.33
C PRO A 169 -6.95 -12.41 12.92
N THR A 170 -6.00 -12.70 13.82
CA THR A 170 -5.15 -11.69 14.42
C THR A 170 -3.81 -11.48 13.73
N ASN A 171 -3.52 -12.27 12.68
CA ASN A 171 -2.26 -12.11 11.98
C ASN A 171 -2.14 -10.68 11.44
N PRO A 172 -1.06 -9.92 11.75
CA PRO A 172 -0.94 -8.53 11.33
C PRO A 172 -1.00 -8.33 9.82
N ILE A 173 -0.49 -9.28 9.03
CA ILE A 173 -0.58 -9.17 7.58
C ILE A 173 -2.04 -9.27 7.13
N ARG A 174 -2.74 -10.27 7.67
CA ARG A 174 -4.16 -10.43 7.41
C ARG A 174 -4.94 -9.16 7.81
N LEU A 175 -4.64 -8.61 8.99
CA LEU A 175 -5.31 -7.40 9.46
C LEU A 175 -5.04 -6.19 8.58
N GLY A 176 -3.78 -5.97 8.22
CA GLY A 176 -3.43 -4.85 7.37
C GLY A 176 -4.03 -4.97 5.97
N LEU A 177 -4.09 -6.21 5.45
CA LEU A 177 -4.75 -6.45 4.18
C LEU A 177 -6.22 -6.05 4.22
N ALA A 178 -6.93 -6.51 5.26
CA ALA A 178 -8.35 -6.23 5.38
C ALA A 178 -8.60 -4.74 5.57
N LEU A 179 -7.78 -4.10 6.39
CA LEU A 179 -7.82 -2.65 6.54
C LEU A 179 -7.72 -1.94 5.19
N ASN A 180 -6.69 -2.28 4.42
CA ASN A 180 -6.46 -1.61 3.16
C ASN A 180 -7.52 -1.94 2.11
N PHE A 181 -8.04 -3.17 2.12
CA PHE A 181 -9.12 -3.52 1.21
C PHE A 181 -10.38 -2.74 1.56
N SER A 182 -10.62 -2.53 2.86
CA SER A 182 -11.77 -1.72 3.27
CA SER A 182 -11.75 -1.71 3.29
C SER A 182 -11.61 -0.27 2.80
N VAL A 183 -10.38 0.27 2.88
CA VAL A 183 -10.12 1.60 2.35
C VAL A 183 -10.36 1.64 0.83
N PHE A 184 -9.90 0.62 0.10
CA PHE A 184 -10.22 0.48 -1.32
C PHE A 184 -11.73 0.63 -1.55
N HIS A 185 -12.53 -0.11 -0.78
CA HIS A 185 -13.96 -0.09 -0.97
C HIS A 185 -14.52 1.31 -0.77
N TYR A 186 -14.05 1.99 0.28
CA TYR A 186 -14.59 3.29 0.64
C TYR A 186 -14.15 4.42 -0.30
N GLU A 187 -12.85 4.44 -0.63
CA GLU A 187 -12.25 5.56 -1.34
CA GLU A 187 -12.23 5.55 -1.34
C GLU A 187 -12.19 5.39 -2.86
N ILE A 188 -12.12 4.14 -3.33
CA ILE A 188 -11.95 3.87 -4.75
C ILE A 188 -13.18 3.30 -5.43
N ALA A 189 -13.81 2.31 -4.78
CA ALA A 189 -14.88 1.54 -5.40
C ALA A 189 -16.28 2.10 -5.14
N ASN A 190 -16.37 3.24 -4.44
CA ASN A 190 -17.65 3.85 -4.12
C ASN A 190 -18.60 2.87 -3.42
N SER A 191 -18.03 2.08 -2.50
CA SER A 191 -18.77 1.04 -1.79
C SER A 191 -18.61 1.20 -0.28
N PRO A 192 -19.10 2.30 0.31
CA PRO A 192 -18.90 2.56 1.73
C PRO A 192 -19.51 1.48 2.63
N GLU A 193 -20.64 0.90 2.22
CA GLU A 193 -21.25 -0.16 3.01
C GLU A 193 -20.38 -1.41 3.07
N GLU A 194 -19.76 -1.78 1.93
CA GLU A 194 -18.83 -2.90 1.93
C GLU A 194 -17.61 -2.62 2.81
N ALA A 195 -17.10 -1.38 2.75
CA ALA A 195 -15.96 -0.97 3.56
C ALA A 195 -16.26 -1.13 5.05
N ILE A 196 -17.43 -0.66 5.47
CA ILE A 196 -17.83 -0.73 6.86
C ILE A 196 -18.03 -2.17 7.30
N SER A 197 -18.70 -2.98 6.48
CA SER A 197 -18.95 -4.38 6.80
CA SER A 197 -18.94 -4.37 6.81
C SER A 197 -17.63 -5.14 6.97
N LEU A 198 -16.69 -4.93 6.04
CA LEU A 198 -15.42 -5.61 6.13
C LEU A 198 -14.65 -5.19 7.39
N ALA A 199 -14.59 -3.88 7.66
CA ALA A 199 -13.90 -3.39 8.84
C ALA A 199 -14.48 -3.97 10.14
N LYS A 200 -15.81 -4.00 10.24
CA LYS A 200 -16.50 -4.53 11.40
C LYS A 200 -16.21 -6.02 11.62
N THR A 201 -16.43 -6.82 10.56
CA THR A 201 -16.21 -8.25 10.65
C THR A 201 -14.76 -8.57 11.00
N THR A 202 -13.81 -7.87 10.36
CA THR A 202 -12.40 -8.09 10.63
C THR A 202 -12.07 -7.80 12.10
N PHE A 203 -12.54 -6.66 12.60
CA PHE A 203 -12.29 -6.27 13.98
C PHE A 203 -12.83 -7.30 14.97
N ASP A 204 -14.06 -7.74 14.72
CA ASP A 204 -14.76 -8.64 15.63
C ASP A 204 -14.11 -10.03 15.66
N GLU A 205 -13.69 -10.52 14.49
CA GLU A 205 -13.06 -11.83 14.44
C GLU A 205 -11.67 -11.80 15.07
N ALA A 206 -10.98 -10.67 14.95
CA ALA A 206 -9.71 -10.48 15.64
C ALA A 206 -9.89 -10.40 17.16
N MET A 207 -10.88 -9.62 17.63
CA MET A 207 -11.15 -9.50 19.05
CA MET A 207 -11.17 -9.50 19.05
C MET A 207 -11.30 -10.88 19.70
N ALA A 208 -12.02 -11.78 19.03
CA ALA A 208 -12.32 -13.10 19.56
C ALA A 208 -11.12 -14.05 19.61
N ASP A 209 -10.02 -13.70 18.94
CA ASP A 209 -8.83 -14.54 18.89
C ASP A 209 -7.66 -13.98 19.70
N LEU A 210 -7.83 -12.78 20.29
CA LEU A 210 -6.75 -12.15 21.05
C LEU A 210 -6.28 -13.01 22.22
N HIS A 211 -7.22 -13.80 22.80
CA HIS A 211 -6.91 -14.59 23.97
C HIS A 211 -5.83 -15.64 23.76
N THR A 212 -5.54 -15.95 22.48
CA THR A 212 -4.56 -16.96 22.11
C THR A 212 -3.13 -16.42 22.08
N LEU A 213 -2.99 -15.09 22.18
CA LEU A 213 -1.74 -14.42 21.87
C LEU A 213 -0.87 -14.10 23.08
N SER A 214 0.44 -14.07 22.86
CA SER A 214 1.39 -13.51 23.80
C SER A 214 1.21 -12.00 23.91
N GLU A 215 1.85 -11.42 24.94
CA GLU A 215 1.79 -9.98 25.16
C GLU A 215 2.28 -9.20 23.94
N ASP A 216 3.39 -9.65 23.35
CA ASP A 216 3.98 -8.96 22.21
C ASP A 216 3.13 -9.08 20.95
N SER A 217 2.57 -10.27 20.69
CA SER A 217 1.68 -10.46 19.56
C SER A 217 0.38 -9.67 19.74
N TYR A 218 -0.13 -9.64 20.98
CA TYR A 218 -1.28 -8.83 21.32
C TYR A 218 -1.09 -7.35 20.97
N LYS A 219 0.10 -6.81 21.27
CA LYS A 219 0.42 -5.42 20.95
C LYS A 219 0.42 -5.17 19.44
N ASP A 220 1.06 -6.07 18.68
CA ASP A 220 1.10 -5.98 17.24
C ASP A 220 -0.30 -5.98 16.61
N SER A 221 -1.15 -6.92 17.04
CA SER A 221 -2.48 -7.04 16.47
C SER A 221 -3.41 -5.89 16.85
N THR A 222 -3.38 -5.47 18.13
CA THR A 222 -4.25 -4.39 18.59
C THR A 222 -3.91 -3.04 17.96
N LEU A 223 -2.66 -2.83 17.59
CA LEU A 223 -2.29 -1.60 16.88
C LEU A 223 -3.07 -1.46 15.57
N ILE A 224 -3.14 -2.53 14.79
CA ILE A 224 -3.84 -2.48 13.51
C ILE A 224 -5.35 -2.48 13.72
N MET A 225 -5.82 -3.19 14.76
CA MET A 225 -7.23 -3.19 15.08
C MET A 225 -7.73 -1.77 15.39
N GLN A 226 -6.86 -0.96 16.02
CA GLN A 226 -7.21 0.42 16.31
C GLN A 226 -7.44 1.25 15.03
N LEU A 227 -6.68 0.93 13.97
CA LEU A 227 -6.85 1.61 12.70
C LEU A 227 -8.21 1.28 12.07
N LEU A 228 -8.65 0.01 12.19
CA LEU A 228 -9.99 -0.36 11.77
C LEU A 228 -11.03 0.45 12.52
N ARG A 229 -10.86 0.57 13.84
CA ARG A 229 -11.77 1.35 14.68
C ARG A 229 -11.78 2.83 14.30
N ASP A 230 -10.59 3.38 14.03
CA ASP A 230 -10.50 4.77 13.62
C ASP A 230 -11.27 5.04 12.33
N ASN A 231 -11.16 4.14 11.35
CA ASN A 231 -11.93 4.27 10.13
C ASN A 231 -13.43 4.13 10.38
N LEU A 232 -13.82 3.14 11.18
CA LEU A 232 -15.23 2.96 11.47
C LEU A 232 -15.83 4.21 12.11
N THR A 233 -15.07 4.86 13.00
CA THR A 233 -15.52 6.10 13.63
C THR A 233 -15.68 7.23 12.63
N LEU A 234 -14.74 7.32 11.67
CA LEU A 234 -14.79 8.33 10.63
C LEU A 234 -15.95 8.09 9.67
N TRP A 235 -16.24 6.82 9.39
CA TRP A 235 -17.19 6.44 8.35
C TRP A 235 -18.64 6.31 8.82
N THR A 236 -18.84 6.22 10.14
CA THR A 236 -20.18 6.08 10.72
C THR A 236 -20.50 7.21 11.70
N ARG B 1 -9.37 11.26 4.84
CA ARG B 1 -8.25 10.91 5.74
C ARG B 1 -8.40 9.51 6.35
N SER B 2 -8.64 8.51 5.50
CA SER B 2 -8.71 7.13 5.95
CA SER B 2 -8.71 7.12 5.94
C SER B 2 -7.34 6.61 6.36
N SER B 3 -7.31 5.68 7.32
CA SER B 3 -6.09 5.05 7.79
C SER B 3 -5.82 3.74 7.04
N PHE B 5 -2.36 0.72 6.27
CA PHE B 5 -1.18 0.15 6.89
C PHE B 5 -0.29 -0.51 5.83
N PRO B 6 1.05 -0.29 5.83
CA PRO B 6 1.74 0.57 6.79
C PRO B 6 1.48 2.06 6.55
N TYR B 7 1.99 2.88 7.47
CA TYR B 7 1.87 4.32 7.36
C TYR B 7 3.20 5.00 7.69
N THR B 8 3.33 6.25 7.23
CA THR B 8 4.50 7.06 7.49
C THR B 8 4.28 7.93 8.73
N THR B 9 5.36 8.54 9.22
CA THR B 9 5.26 9.47 10.34
C THR B 9 4.31 10.63 10.01
#